data_4QMD
#
_entry.id   4QMD
#
_cell.length_a   42.480
_cell.length_b   68.950
_cell.length_c   112.200
_cell.angle_alpha   90.000
_cell.angle_beta   90.000
_cell.angle_gamma   90.000
#
_symmetry.space_group_name_H-M   'P 21 21 21'
#
loop_
_entity.id
_entity.type
_entity.pdbx_description
1 polymer Envoplakin
2 water water
#
_entity_poly.entity_id   1
_entity_poly.type   'polypeptide(L)'
_entity_poly.pdbx_seq_one_letter_code
;DDSFPIAGIYDTTTDNKCSIKTAVAKNMLDPITGQKLLEAQAATGGIVDLLSRERYSVHKAMERGLIENTSTQRLLNAQK
AFTGIEDPVTKKRLSVGEAVQKGWMPRESVLPHLQVQHLTGGLIDPKRTGRIPIQQALLSGMISEELAQLLQDESSYEKD
LTDPISKERLSYKEAMGRCRKDPLSGLLLLPAA
;
_entity_poly.pdbx_strand_id   A,B
#
# COMPACT_ATOMS: atom_id res chain seq x y z
N ASP A 1 -1.12 -20.73 -8.17
CA ASP A 1 0.03 -20.38 -8.99
C ASP A 1 1.24 -20.01 -8.13
N ASP A 2 2.37 -20.64 -8.41
CA ASP A 2 3.62 -20.31 -7.74
C ASP A 2 3.53 -20.56 -6.24
N SER A 3 2.45 -21.23 -5.82
CA SER A 3 2.26 -21.58 -4.42
C SER A 3 2.14 -20.33 -3.55
N PHE A 4 1.66 -19.24 -4.15
CA PHE A 4 1.44 -18.00 -3.42
C PHE A 4 0.11 -18.04 -2.68
N PRO A 5 0.03 -17.34 -1.54
CA PRO A 5 -1.23 -17.13 -0.82
C PRO A 5 -2.07 -16.05 -1.50
N ILE A 6 -3.24 -15.79 -0.96
CA ILE A 6 -4.00 -14.62 -1.37
C ILE A 6 -3.08 -13.40 -1.22
N ALA A 7 -2.93 -12.62 -2.28
CA ALA A 7 -1.91 -11.58 -2.34
C ALA A 7 -2.41 -10.19 -1.95
N GLY A 8 -3.63 -9.87 -2.38
CA GLY A 8 -4.16 -8.55 -2.16
C GLY A 8 -5.66 -8.46 -2.38
N ILE A 9 -6.11 -7.24 -2.67
CA ILE A 9 -7.52 -6.93 -2.76
C ILE A 9 -7.84 -6.37 -4.15
N TYR A 10 -9.00 -6.71 -4.69
CA TYR A 10 -9.48 -6.13 -5.93
C TYR A 10 -10.58 -5.13 -5.62
N ASP A 11 -10.28 -3.85 -5.85
CA ASP A 11 -11.25 -2.78 -5.57
C ASP A 11 -12.28 -2.77 -6.68
N THR A 12 -13.45 -3.32 -6.39
CA THR A 12 -14.49 -3.51 -7.40
C THR A 12 -15.10 -2.19 -7.85
N THR A 13 -14.93 -1.16 -7.04
CA THR A 13 -15.50 0.15 -7.33
C THR A 13 -14.69 0.93 -8.36
N THR A 14 -13.38 0.72 -8.37
CA THR A 14 -12.49 1.44 -9.27
C THR A 14 -11.82 0.56 -10.32
N ASP A 15 -12.00 -0.77 -10.21
CA ASP A 15 -11.34 -1.75 -11.08
C ASP A 15 -9.81 -1.70 -10.92
N ASN A 16 -9.37 -1.36 -9.70
CA ASN A 16 -7.94 -1.31 -9.36
C ASN A 16 -7.59 -2.31 -8.27
N LYS A 17 -6.35 -2.78 -8.26
CA LYS A 17 -5.90 -3.60 -7.14
C LYS A 17 -5.39 -2.69 -6.04
N CYS A 18 -5.36 -3.20 -4.81
CA CYS A 18 -4.73 -2.50 -3.71
C CYS A 18 -4.28 -3.51 -2.67
N SER A 19 -3.41 -3.06 -1.76
CA SER A 19 -2.86 -3.97 -0.76
C SER A 19 -3.88 -4.27 0.33
N ILE A 20 -3.60 -5.33 1.08
CA ILE A 20 -4.39 -5.63 2.26
C ILE A 20 -4.32 -4.46 3.24
N LYS A 21 -3.12 -3.91 3.43
CA LYS A 21 -2.95 -2.75 4.29
C LYS A 21 -3.85 -1.58 3.88
N THR A 22 -3.83 -1.21 2.60
CA THR A 22 -4.67 -0.10 2.14
C THR A 22 -6.17 -0.40 2.30
N ALA A 23 -6.57 -1.64 2.03
CA ALA A 23 -7.98 -2.00 2.08
C ALA A 23 -8.52 -1.88 3.52
N VAL A 24 -7.71 -2.33 4.48
CA VAL A 24 -8.11 -2.22 5.88
C VAL A 24 -8.19 -0.76 6.28
N ALA A 25 -7.22 0.03 5.84
CA ALA A 25 -7.19 1.45 6.17
C ALA A 25 -8.38 2.21 5.56
N LYS A 26 -8.87 1.75 4.42
CA LYS A 26 -9.97 2.43 3.74
C LYS A 26 -11.32 1.83 4.11
N ASN A 27 -11.30 0.93 5.09
CA ASN A 27 -12.51 0.29 5.59
C ASN A 27 -13.21 -0.56 4.52
N MET A 28 -12.41 -1.15 3.63
CA MET A 28 -12.92 -2.01 2.56
C MET A 28 -12.88 -3.46 2.98
N LEU A 29 -12.12 -3.76 4.02
CA LEU A 29 -11.85 -5.13 4.45
C LEU A 29 -11.84 -5.11 5.97
N ASP A 30 -12.48 -6.06 6.62
CA ASP A 30 -12.47 -6.00 8.08
C ASP A 30 -11.07 -6.30 8.61
N PRO A 31 -10.70 -5.63 9.68
CA PRO A 31 -9.34 -5.65 10.24
C PRO A 31 -8.88 -7.06 10.59
N ILE A 32 -9.75 -7.87 11.17
CA ILE A 32 -9.34 -9.22 11.56
C ILE A 32 -9.05 -10.08 10.32
N THR A 33 -9.93 -10.01 9.32
CA THR A 33 -9.72 -10.74 8.08
C THR A 33 -8.39 -10.30 7.45
N GLY A 34 -8.14 -9.00 7.40
CA GLY A 34 -6.89 -8.48 6.88
C GLY A 34 -5.67 -9.05 7.61
N GLN A 35 -5.71 -9.02 8.95
CA GLN A 35 -4.60 -9.59 9.71
C GLN A 35 -4.36 -11.07 9.40
N LYS A 36 -5.43 -11.85 9.30
CA LYS A 36 -5.28 -13.26 8.96
C LYS A 36 -4.71 -13.47 7.56
N LEU A 37 -5.11 -12.64 6.61
CA LEU A 37 -4.56 -12.74 5.26
C LEU A 37 -3.06 -12.43 5.29
N LEU A 38 -2.66 -11.47 6.12
CA LEU A 38 -1.23 -11.15 6.24
C LEU A 38 -0.46 -12.26 6.94
N GLU A 39 -1.07 -12.85 7.97
CA GLU A 39 -0.46 -14.01 8.63
C GLU A 39 -0.22 -15.14 7.63
N ALA A 40 -1.21 -15.42 6.77
CA ALA A 40 -1.10 -16.45 5.75
C ALA A 40 0.10 -16.18 4.83
N GLN A 41 0.35 -14.91 4.54
CA GLN A 41 1.49 -14.53 3.72
C GLN A 41 2.80 -14.78 4.47
N ALA A 42 2.86 -14.34 5.72
CA ALA A 42 4.05 -14.58 6.54
C ALA A 42 4.36 -16.07 6.63
N ALA A 43 3.31 -16.87 6.80
CA ALA A 43 3.46 -18.31 7.00
C ALA A 43 3.90 -19.07 5.75
N THR A 44 3.85 -18.43 4.59
CA THR A 44 4.15 -19.11 3.33
C THR A 44 5.34 -18.53 2.56
N GLY A 45 6.10 -17.62 3.17
CA GLY A 45 7.31 -17.14 2.55
C GLY A 45 7.50 -15.63 2.55
N GLY A 46 6.54 -14.89 3.09
CA GLY A 46 6.72 -13.46 3.24
C GLY A 46 5.53 -12.62 2.81
N ILE A 47 5.49 -11.39 3.32
CA ILE A 47 4.48 -10.42 2.94
C ILE A 47 4.65 -10.08 1.46
N VAL A 48 3.55 -10.11 0.71
CA VAL A 48 3.60 -9.88 -0.73
C VAL A 48 3.55 -8.40 -1.09
N ASP A 49 4.48 -7.98 -1.96
CA ASP A 49 4.47 -6.65 -2.56
C ASP A 49 3.78 -6.77 -3.92
N LEU A 50 2.63 -6.12 -4.05
CA LEU A 50 1.80 -6.29 -5.24
C LEU A 50 2.52 -5.80 -6.49
N LEU A 51 3.41 -4.82 -6.31
CA LEU A 51 3.95 -4.06 -7.44
C LEU A 51 5.07 -4.81 -8.13
N SER A 52 5.61 -5.82 -7.46
CA SER A 52 6.80 -6.52 -7.94
C SER A 52 6.68 -8.04 -7.86
N ARG A 53 5.71 -8.51 -7.10
CA ARG A 53 5.58 -9.94 -6.78
C ARG A 53 6.63 -10.43 -5.77
N GLU A 54 7.46 -9.53 -5.25
CA GLU A 54 8.45 -9.93 -4.27
C GLU A 54 7.79 -10.23 -2.94
N ARG A 55 8.47 -11.00 -2.09
CA ARG A 55 7.96 -11.32 -0.77
C ARG A 55 9.01 -11.02 0.29
N TYR A 56 8.56 -10.52 1.43
CA TYR A 56 9.48 -9.96 2.41
C TYR A 56 9.22 -10.46 3.82
N SER A 57 10.30 -10.61 4.59
CA SER A 57 10.18 -10.88 6.01
C SER A 57 9.35 -9.78 6.65
N VAL A 58 8.80 -10.07 7.82
CA VAL A 58 7.95 -9.12 8.52
C VAL A 58 8.68 -7.78 8.73
N HIS A 59 9.93 -7.86 9.19
CA HIS A 59 10.72 -6.64 9.43
C HIS A 59 10.92 -5.83 8.16
N LYS A 60 11.35 -6.50 7.09
CA LYS A 60 11.54 -5.84 5.82
C LYS A 60 10.23 -5.29 5.25
N ALA A 61 9.13 -6.00 5.50
CA ALA A 61 7.82 -5.54 5.06
C ALA A 61 7.39 -4.24 5.75
N MET A 62 7.57 -4.18 7.07
CA MET A 62 7.22 -2.98 7.83
C MET A 62 8.04 -1.79 7.37
N GLU A 63 9.33 -2.01 7.14
CA GLU A 63 10.22 -0.91 6.73
C GLU A 63 9.87 -0.37 5.34
N ARG A 64 9.23 -1.20 4.53
CA ARG A 64 8.83 -0.80 3.19
C ARG A 64 7.40 -0.27 3.14
N GLY A 65 6.73 -0.23 4.29
CA GLY A 65 5.36 0.28 4.36
C GLY A 65 4.31 -0.67 3.80
N LEU A 66 4.63 -1.95 3.75
CA LEU A 66 3.68 -2.97 3.27
C LEU A 66 2.67 -3.37 4.35
N ILE A 67 3.04 -3.15 5.60
CA ILE A 67 2.18 -3.49 6.73
C ILE A 67 2.21 -2.35 7.77
N GLU A 68 1.26 -2.36 8.71
CA GLU A 68 1.28 -1.43 9.84
C GLU A 68 2.18 -1.93 10.98
N ASN A 69 2.68 -0.98 11.77
CA ASN A 69 3.49 -1.29 12.96
C ASN A 69 2.78 -2.23 13.92
N THR A 70 1.47 -2.05 14.07
CA THR A 70 0.69 -2.82 15.01
C THR A 70 0.52 -4.28 14.61
N SER A 71 0.89 -4.62 13.37
CA SER A 71 0.79 -6.00 12.90
C SER A 71 2.07 -6.79 13.15
N THR A 72 3.17 -6.06 13.32
CA THR A 72 4.49 -6.72 13.32
C THR A 72 4.61 -7.89 14.30
N GLN A 73 4.18 -7.70 15.54
CA GLN A 73 4.31 -8.74 16.55
C GLN A 73 3.60 -10.05 16.17
N ARG A 74 2.32 -9.97 15.82
CA ARG A 74 1.55 -11.18 15.48
C ARG A 74 2.03 -11.81 14.18
N LEU A 75 2.60 -11.01 13.30
CA LEU A 75 3.08 -11.54 12.04
C LEU A 75 4.36 -12.33 12.26
N LEU A 76 5.17 -11.93 13.23
CA LEU A 76 6.39 -12.67 13.55
C LEU A 76 6.08 -14.12 13.95
N ASN A 77 5.01 -14.31 14.71
CA ASN A 77 4.60 -15.66 15.06
C ASN A 77 4.28 -16.51 13.84
N ALA A 78 3.50 -15.95 12.92
CA ALA A 78 3.11 -16.67 11.70
C ALA A 78 4.35 -16.97 10.85
N GLN A 79 5.29 -16.03 10.85
CA GLN A 79 6.53 -16.19 10.11
C GLN A 79 7.33 -17.42 10.53
N LYS A 80 7.23 -17.81 11.79
CA LYS A 80 7.91 -19.01 12.26
C LYS A 80 7.47 -20.26 11.51
N ALA A 81 6.24 -20.24 10.99
CA ALA A 81 5.73 -21.39 10.26
C ALA A 81 6.50 -21.53 8.96
N PHE A 82 7.09 -20.43 8.48
CA PHE A 82 7.92 -20.47 7.29
C PHE A 82 9.39 -20.75 7.60
N THR A 83 9.93 -20.02 8.58
CA THR A 83 11.35 -20.15 8.91
C THR A 83 11.66 -21.38 9.76
N GLY A 84 10.66 -21.90 10.46
CA GLY A 84 10.90 -22.91 11.48
C GLY A 84 11.48 -22.26 12.72
N ILE A 85 11.76 -23.05 13.74
CA ILE A 85 12.34 -22.51 14.95
C ILE A 85 13.54 -23.32 15.34
N GLU A 86 14.39 -22.73 16.19
CA GLU A 86 15.52 -23.47 16.77
C GLU A 86 15.13 -24.12 18.09
N ASP A 87 15.36 -25.42 18.20
CA ASP A 87 15.10 -26.15 19.44
C ASP A 87 16.05 -25.63 20.51
N PRO A 88 15.50 -25.14 21.63
CA PRO A 88 16.31 -24.53 22.70
C PRO A 88 17.32 -25.49 23.32
N VAL A 89 17.06 -26.78 23.24
CA VAL A 89 17.97 -27.78 23.81
C VAL A 89 18.98 -28.30 22.78
N THR A 90 18.49 -28.84 21.67
CA THR A 90 19.35 -29.47 20.67
C THR A 90 19.92 -28.48 19.65
N LYS A 91 19.31 -27.29 19.57
CA LYS A 91 19.73 -26.26 18.63
C LYS A 91 19.39 -26.60 17.16
N LYS A 92 18.67 -27.69 16.95
CA LYS A 92 18.27 -28.09 15.60
C LYS A 92 17.11 -27.23 15.10
N ARG A 93 17.00 -27.07 13.78
CA ARG A 93 15.87 -26.35 13.20
C ARG A 93 14.65 -27.26 13.03
N LEU A 94 13.53 -26.83 13.58
CA LEU A 94 12.30 -27.62 13.57
C LEU A 94 11.25 -26.92 12.72
N SER A 95 10.44 -27.70 12.01
CA SER A 95 9.21 -27.15 11.45
C SER A 95 8.22 -26.90 12.60
N VAL A 96 7.20 -26.09 12.38
CA VAL A 96 6.27 -25.83 13.48
C VAL A 96 5.45 -27.06 13.85
N GLY A 97 5.26 -27.98 12.91
CA GLY A 97 4.57 -29.23 13.22
C GLY A 97 5.36 -30.08 14.21
N GLU A 98 6.68 -30.10 14.05
CA GLU A 98 7.56 -30.76 15.00
C GLU A 98 7.62 -29.99 16.33
N ALA A 99 7.58 -28.67 16.27
CA ALA A 99 7.58 -27.88 17.50
C ALA A 99 6.39 -28.24 18.35
N VAL A 100 5.23 -28.41 17.71
CA VAL A 100 4.02 -28.77 18.44
C VAL A 100 4.19 -30.11 19.13
N GLN A 101 4.71 -31.08 18.40
CA GLN A 101 4.92 -32.41 18.97
C GLN A 101 5.95 -32.42 20.09
N LYS A 102 6.95 -31.55 19.99
CA LYS A 102 8.01 -31.46 21.01
C LYS A 102 7.61 -30.59 22.20
N GLY A 103 6.43 -29.99 22.11
CA GLY A 103 5.86 -29.23 23.21
C GLY A 103 6.24 -27.76 23.24
N TRP A 104 6.87 -27.26 22.18
CA TRP A 104 7.36 -25.89 22.18
C TRP A 104 6.30 -24.88 21.75
N MET A 105 5.30 -25.34 21.01
CA MET A 105 4.21 -24.48 20.55
C MET A 105 2.87 -25.21 20.65
N PRO A 106 1.80 -24.47 20.95
CA PRO A 106 0.47 -25.09 21.07
C PRO A 106 -0.16 -25.39 19.71
N ARG A 107 -0.79 -26.57 19.62
CA ARG A 107 -1.46 -26.98 18.39
C ARG A 107 -2.41 -25.92 17.84
N GLU A 108 -3.11 -25.23 18.73
CA GLU A 108 -4.11 -24.27 18.27
C GLU A 108 -3.50 -23.07 17.57
N SER A 109 -2.26 -22.72 17.94
CA SER A 109 -1.60 -21.56 17.34
C SER A 109 -1.08 -21.89 15.95
N VAL A 110 -0.76 -23.16 15.75
CA VAL A 110 -0.03 -23.61 14.57
C VAL A 110 -0.92 -24.10 13.43
N LEU A 111 -2.04 -24.72 13.76
CA LEU A 111 -2.89 -25.33 12.73
C LEU A 111 -3.27 -24.40 11.57
N PRO A 112 -3.74 -23.17 11.87
CA PRO A 112 -4.13 -22.30 10.75
C PRO A 112 -3.00 -22.09 9.75
N HIS A 113 -1.76 -22.01 10.22
CA HIS A 113 -0.64 -21.79 9.34
C HIS A 113 -0.35 -23.03 8.48
N LEU A 114 -0.45 -24.21 9.09
CA LEU A 114 -0.25 -25.43 8.31
C LEU A 114 -1.36 -25.58 7.29
N GLN A 115 -2.56 -25.13 7.66
CA GLN A 115 -3.70 -25.14 6.74
C GLN A 115 -3.43 -24.29 5.50
N VAL A 116 -2.94 -23.06 5.71
CA VAL A 116 -2.62 -22.20 4.58
C VAL A 116 -1.49 -22.78 3.74
N GLN A 117 -0.52 -23.42 4.39
CA GLN A 117 0.55 -24.07 3.64
C GLN A 117 -0.02 -25.22 2.79
N HIS A 118 -0.83 -26.07 3.40
CA HIS A 118 -1.49 -27.13 2.62
C HIS A 118 -2.28 -26.61 1.42
N LEU A 119 -3.04 -25.53 1.62
CA LEU A 119 -3.87 -24.99 0.55
C LEU A 119 -3.06 -24.31 -0.54
N THR A 120 -1.78 -24.03 -0.26
CA THR A 120 -0.91 -23.47 -1.30
C THR A 120 0.14 -24.46 -1.82
N GLY A 121 -0.11 -25.76 -1.63
CA GLY A 121 0.72 -26.77 -2.25
C GLY A 121 1.35 -27.82 -1.35
N GLY A 122 1.31 -27.60 -0.03
CA GLY A 122 1.82 -28.60 0.90
C GLY A 122 2.57 -27.97 2.05
N LEU A 123 2.96 -28.78 3.02
CA LEU A 123 3.63 -28.21 4.18
C LEU A 123 5.03 -27.75 3.82
N ILE A 124 5.45 -26.65 4.45
CA ILE A 124 6.79 -26.12 4.28
C ILE A 124 7.81 -26.84 5.15
N ASP A 125 8.90 -27.27 4.53
CA ASP A 125 10.06 -27.75 5.28
C ASP A 125 11.08 -26.61 5.31
N PRO A 126 11.35 -26.08 6.51
CA PRO A 126 12.19 -24.89 6.65
C PRO A 126 13.49 -24.96 5.87
N LYS A 127 13.81 -23.87 5.19
CA LYS A 127 15.05 -23.76 4.43
C LYS A 127 15.09 -24.67 3.21
N ARG A 128 13.92 -25.00 2.67
CA ARG A 128 13.81 -25.81 1.47
C ARG A 128 12.63 -25.41 0.63
N THR A 129 12.83 -25.38 -0.69
CA THR A 129 11.72 -25.20 -1.60
C THR A 129 11.08 -26.57 -1.75
N GLY A 130 9.91 -26.63 -2.36
CA GLY A 130 9.26 -27.93 -2.52
C GLY A 130 8.44 -28.28 -1.29
N ARG A 131 7.13 -28.28 -1.46
CA ARG A 131 6.20 -28.54 -0.37
C ARG A 131 6.08 -30.03 -0.08
N ILE A 132 5.71 -30.36 1.16
CA ILE A 132 5.55 -31.74 1.60
C ILE A 132 4.08 -32.12 1.69
N PRO A 133 3.67 -33.21 1.02
CA PRO A 133 2.27 -33.66 1.13
C PRO A 133 1.96 -34.08 2.57
N ILE A 134 0.70 -33.93 2.97
CA ILE A 134 0.24 -34.30 4.31
C ILE A 134 0.65 -35.72 4.70
N GLN A 135 0.42 -36.67 3.80
CA GLN A 135 0.70 -38.07 4.12
C GLN A 135 2.18 -38.30 4.37
N GLN A 136 3.03 -37.63 3.60
CA GLN A 136 4.47 -37.72 3.81
C GLN A 136 4.85 -37.08 5.15
N ALA A 137 4.26 -35.94 5.45
CA ALA A 137 4.50 -35.28 6.73
C ALA A 137 4.10 -36.18 7.88
N LEU A 138 2.97 -36.85 7.75
CA LEU A 138 2.51 -37.74 8.81
C LEU A 138 3.45 -38.93 9.01
N LEU A 139 3.86 -39.56 7.92
CA LEU A 139 4.66 -40.77 8.03
C LEU A 139 6.04 -40.46 8.59
N SER A 140 6.51 -39.25 8.35
CA SER A 140 7.83 -38.86 8.82
C SER A 140 7.80 -38.34 10.26
N GLY A 141 6.60 -38.18 10.80
CA GLY A 141 6.48 -37.61 12.14
C GLY A 141 6.63 -36.09 12.16
N MET A 142 6.57 -35.46 11.00
CA MET A 142 6.60 -34.00 10.92
C MET A 142 5.31 -33.42 11.54
N ILE A 143 4.21 -34.15 11.42
CA ILE A 143 2.95 -33.81 12.09
C ILE A 143 2.33 -35.02 12.77
N SER A 144 1.47 -34.77 13.74
CA SER A 144 0.74 -35.85 14.43
C SER A 144 -0.39 -36.40 13.59
N GLU A 145 -0.90 -37.57 13.96
CA GLU A 145 -2.08 -38.13 13.30
C GLU A 145 -3.24 -37.14 13.34
N GLU A 146 -3.46 -36.49 14.47
CA GLU A 146 -4.60 -35.58 14.60
C GLU A 146 -4.46 -34.36 13.70
N LEU A 147 -3.25 -33.80 13.61
CA LEU A 147 -3.05 -32.66 12.73
C LEU A 147 -3.24 -33.08 11.28
N ALA A 148 -2.77 -34.27 10.93
CA ALA A 148 -2.94 -34.75 9.55
C ALA A 148 -4.42 -34.83 9.20
N GLN A 149 -5.22 -35.36 10.11
CA GLN A 149 -6.65 -35.55 9.84
C GLN A 149 -7.35 -34.21 9.70
N LEU A 150 -6.97 -33.26 10.56
CA LEU A 150 -7.53 -31.91 10.52
C LEU A 150 -7.17 -31.20 9.22
N LEU A 151 -5.95 -31.41 8.75
CA LEU A 151 -5.51 -30.80 7.50
C LEU A 151 -6.19 -31.40 6.29
N GLN A 152 -6.45 -32.70 6.35
CA GLN A 152 -7.06 -33.42 5.23
C GLN A 152 -8.49 -32.99 5.00
N ASP A 153 -9.20 -32.71 6.09
CA ASP A 153 -10.64 -32.45 6.04
C ASP A 153 -10.89 -30.97 5.74
N GLU A 154 -10.69 -30.61 4.47
CA GLU A 154 -10.72 -29.20 4.06
C GLU A 154 -12.10 -28.56 4.23
N SER A 155 -13.15 -29.36 4.07
CA SER A 155 -14.50 -28.83 4.16
C SER A 155 -14.83 -28.39 5.58
N SER A 156 -14.01 -28.81 6.54
CA SER A 156 -14.23 -28.48 7.94
C SER A 156 -13.33 -27.37 8.49
N TYR A 157 -12.52 -26.74 7.62
CA TYR A 157 -11.67 -25.63 8.07
C TYR A 157 -12.50 -24.49 8.68
N GLU A 158 -11.95 -23.84 9.69
CA GLU A 158 -12.67 -22.75 10.37
C GLU A 158 -13.01 -21.63 9.40
N LYS A 159 -14.25 -21.14 9.48
CA LYS A 159 -14.68 -20.02 8.64
C LYS A 159 -14.49 -18.72 9.40
N ASP A 160 -13.25 -18.26 9.46
CA ASP A 160 -12.92 -17.09 10.27
C ASP A 160 -12.57 -15.87 9.45
N LEU A 161 -12.89 -15.88 8.16
CA LEU A 161 -12.66 -14.73 7.31
C LEU A 161 -14.02 -14.18 6.89
N THR A 162 -14.10 -12.88 6.63
CA THR A 162 -15.36 -12.31 6.16
C THR A 162 -15.19 -11.81 4.74
N ASP A 163 -15.99 -12.35 3.83
CA ASP A 163 -16.01 -11.88 2.45
C ASP A 163 -16.51 -10.44 2.43
N PRO A 164 -15.67 -9.50 1.97
CA PRO A 164 -16.10 -8.09 2.01
C PRO A 164 -17.30 -7.79 1.12
N ILE A 165 -17.50 -8.57 0.06
CA ILE A 165 -18.62 -8.34 -0.85
C ILE A 165 -19.92 -8.92 -0.31
N SER A 166 -19.92 -10.22 0.00
CA SER A 166 -21.15 -10.89 0.44
C SER A 166 -21.39 -10.79 1.95
N LYS A 167 -20.31 -10.52 2.69
CA LYS A 167 -20.30 -10.53 4.16
C LYS A 167 -20.39 -11.95 4.74
N GLU A 168 -20.40 -12.95 3.88
CA GLU A 168 -20.38 -14.35 4.32
C GLU A 168 -19.09 -14.67 5.07
N ARG A 169 -19.18 -15.57 6.05
CA ARG A 169 -17.99 -16.09 6.70
C ARG A 169 -17.42 -17.25 5.88
N LEU A 170 -16.11 -17.18 5.60
CA LEU A 170 -15.46 -18.16 4.73
C LEU A 170 -14.22 -18.74 5.37
N SER A 171 -13.87 -19.97 5.00
CA SER A 171 -12.57 -20.51 5.33
C SER A 171 -11.52 -19.93 4.38
N TYR A 172 -10.25 -20.17 4.68
CA TYR A 172 -9.21 -19.70 3.78
C TYR A 172 -9.38 -20.30 2.39
N LYS A 173 -9.76 -21.57 2.32
CA LYS A 173 -9.95 -22.24 1.04
C LYS A 173 -11.08 -21.57 0.24
N GLU A 174 -12.17 -21.26 0.92
CA GLU A 174 -13.28 -20.60 0.24
C GLU A 174 -12.89 -19.21 -0.23
N ALA A 175 -12.11 -18.51 0.61
CA ALA A 175 -11.63 -17.18 0.26
C ALA A 175 -10.77 -17.22 -0.99
N MET A 176 -9.90 -18.23 -1.07
CA MET A 176 -9.08 -18.41 -2.27
C MET A 176 -9.99 -18.56 -3.49
N GLY A 177 -11.09 -19.30 -3.31
CA GLY A 177 -12.01 -19.54 -4.40
C GLY A 177 -12.70 -18.28 -4.89
N ARG A 178 -12.89 -17.32 -3.98
CA ARG A 178 -13.52 -16.05 -4.33
C ARG A 178 -12.57 -15.10 -5.07
N CYS A 179 -11.29 -15.40 -5.07
CA CYS A 179 -10.32 -14.48 -5.65
C CYS A 179 -10.34 -14.48 -7.18
N ARG A 180 -10.04 -13.32 -7.76
CA ARG A 180 -9.69 -13.25 -9.18
C ARG A 180 -8.16 -13.25 -9.28
N LYS A 181 -7.64 -13.43 -10.48
CA LYS A 181 -6.23 -13.17 -10.72
C LYS A 181 -6.08 -11.74 -11.27
N ASP A 182 -5.07 -11.04 -10.80
CA ASP A 182 -4.77 -9.69 -11.30
C ASP A 182 -4.23 -9.77 -12.73
N PRO A 183 -4.87 -9.05 -13.67
CA PRO A 183 -4.42 -9.10 -15.06
C PRO A 183 -2.93 -8.71 -15.25
N LEU A 184 -2.43 -7.77 -14.45
CA LEU A 184 -1.02 -7.38 -14.55
C LEU A 184 -0.07 -8.40 -13.90
N SER A 185 -0.27 -8.68 -12.62
CA SER A 185 0.69 -9.48 -11.85
C SER A 185 0.43 -10.97 -11.85
N GLY A 186 -0.81 -11.36 -12.11
CA GLY A 186 -1.20 -12.75 -12.02
C GLY A 186 -1.52 -13.25 -10.61
N LEU A 187 -1.41 -12.35 -9.64
CA LEU A 187 -1.58 -12.71 -8.24
C LEU A 187 -3.04 -12.80 -7.84
N LEU A 188 -3.32 -13.54 -6.77
CA LEU A 188 -4.69 -13.68 -6.27
C LEU A 188 -5.18 -12.44 -5.52
N LEU A 189 -6.32 -11.91 -5.95
CA LEU A 189 -6.95 -10.75 -5.30
C LEU A 189 -8.38 -11.04 -4.87
N LEU A 190 -8.69 -10.72 -3.61
CA LEU A 190 -10.02 -10.89 -3.06
C LEU A 190 -10.83 -9.63 -3.36
N PRO A 191 -11.98 -9.76 -4.03
CA PRO A 191 -12.76 -8.56 -4.34
C PRO A 191 -13.35 -7.88 -3.09
N ALA A 192 -13.38 -6.55 -3.13
CA ALA A 192 -13.90 -5.74 -2.04
C ALA A 192 -14.34 -4.39 -2.60
N ALA A 193 -15.26 -3.72 -1.91
CA ALA A 193 -15.75 -2.44 -2.40
C ALA A 193 -15.37 -1.32 -1.44
N ASP B 1 -12.25 8.40 4.99
CA ASP B 1 -11.79 9.79 4.90
C ASP B 1 -10.72 9.95 3.84
N ASP B 2 -10.70 11.11 3.19
CA ASP B 2 -9.73 11.43 2.14
C ASP B 2 -8.28 11.31 2.63
N SER B 3 -7.42 10.72 1.80
CA SER B 3 -5.99 10.64 2.10
C SER B 3 -5.36 12.02 1.91
N PHE B 4 -4.25 12.27 2.61
CA PHE B 4 -3.51 13.51 2.48
C PHE B 4 -2.36 13.30 1.50
N PRO B 5 -1.76 14.39 1.00
CA PRO B 5 -0.59 14.26 0.12
C PRO B 5 0.61 13.74 0.90
N ILE B 6 1.59 13.17 0.21
CA ILE B 6 2.79 12.68 0.88
C ILE B 6 3.53 13.89 1.46
N ALA B 7 3.74 13.86 2.78
CA ALA B 7 4.29 15.00 3.51
C ALA B 7 5.81 15.04 3.55
N GLY B 8 6.43 13.86 3.55
CA GLY B 8 7.86 13.79 3.76
C GLY B 8 8.34 12.35 3.73
N ILE B 9 9.51 12.14 4.32
CA ILE B 9 10.18 10.84 4.31
C ILE B 9 10.16 10.23 5.72
N TYR B 10 10.01 8.91 5.82
CA TYR B 10 10.17 8.23 7.09
C TYR B 10 11.55 7.62 7.11
N ASP B 11 12.44 8.14 7.96
CA ASP B 11 13.80 7.60 8.01
C ASP B 11 13.78 6.33 8.84
N THR B 12 13.82 5.19 8.18
CA THR B 12 13.62 3.91 8.87
C THR B 12 14.78 3.55 9.80
N THR B 13 15.91 4.22 9.62
CA THR B 13 17.07 3.95 10.47
C THR B 13 16.99 4.69 11.81
N THR B 14 16.15 5.72 11.87
CA THR B 14 16.02 6.51 13.09
C THR B 14 14.59 6.64 13.59
N ASP B 15 13.65 6.09 12.83
CA ASP B 15 12.22 6.22 13.16
C ASP B 15 11.77 7.66 13.38
N ASN B 16 12.32 8.58 12.60
CA ASN B 16 11.91 9.98 12.68
C ASN B 16 11.43 10.48 11.33
N LYS B 17 10.54 11.46 11.36
CA LYS B 17 10.16 12.14 10.13
C LYS B 17 11.35 12.92 9.60
N CYS B 18 11.38 13.06 8.28
CA CYS B 18 12.48 13.71 7.58
C CYS B 18 11.86 14.53 6.45
N SER B 19 12.23 15.81 6.35
CA SER B 19 11.67 16.62 5.26
C SER B 19 12.22 16.14 3.93
N ILE B 20 11.49 16.46 2.86
CA ILE B 20 11.95 16.17 1.51
C ILE B 20 13.30 16.87 1.29
N LYS B 21 13.40 18.12 1.71
CA LYS B 21 14.66 18.85 1.58
C LYS B 21 15.83 18.08 2.19
N THR B 22 15.66 17.65 3.45
CA THR B 22 16.71 16.91 4.11
C THR B 22 17.00 15.59 3.41
N ALA B 23 15.95 14.86 3.04
CA ALA B 23 16.14 13.56 2.41
C ALA B 23 16.92 13.67 1.10
N VAL B 24 16.62 14.69 0.31
CA VAL B 24 17.36 14.89 -0.93
C VAL B 24 18.81 15.25 -0.64
N ALA B 25 19.01 16.16 0.32
CA ALA B 25 20.37 16.59 0.67
C ALA B 25 21.22 15.41 1.17
N LYS B 26 20.58 14.45 1.84
CA LYS B 26 21.32 13.30 2.39
C LYS B 26 21.38 12.11 1.42
N ASN B 27 20.97 12.33 0.18
CA ASN B 27 21.00 11.31 -0.84
C ASN B 27 20.08 10.11 -0.54
N MET B 28 19.10 10.31 0.33
CA MET B 28 18.12 9.27 0.62
C MET B 28 17.07 9.22 -0.48
N LEU B 29 16.85 10.35 -1.14
CA LEU B 29 15.82 10.54 -2.15
C LEU B 29 16.45 11.31 -3.30
N ASP B 30 16.18 10.94 -4.55
CA ASP B 30 16.83 11.64 -5.67
C ASP B 30 16.15 12.99 -5.87
N PRO B 31 16.89 14.01 -6.36
CA PRO B 31 16.34 15.38 -6.42
C PRO B 31 15.03 15.53 -7.21
N ILE B 32 14.91 14.87 -8.36
CA ILE B 32 13.72 15.04 -9.19
C ILE B 32 12.48 14.43 -8.53
N THR B 33 12.64 13.26 -7.94
CA THR B 33 11.56 12.69 -7.12
C THR B 33 11.14 13.65 -6.00
N GLY B 34 12.13 14.22 -5.32
CA GLY B 34 11.85 15.24 -4.31
C GLY B 34 11.06 16.40 -4.89
N GLN B 35 11.46 16.89 -6.06
CA GLN B 35 10.72 18.01 -6.67
C GLN B 35 9.28 17.61 -6.98
N LYS B 36 9.08 16.39 -7.48
CA LYS B 36 7.72 15.96 -7.79
C LYS B 36 6.84 15.82 -6.54
N LEU B 37 7.44 15.37 -5.43
CA LEU B 37 6.73 15.29 -4.15
C LEU B 37 6.34 16.69 -3.68
N LEU B 38 7.23 17.65 -3.89
CA LEU B 38 6.94 19.03 -3.51
C LEU B 38 5.87 19.64 -4.42
N GLU B 39 5.93 19.31 -5.71
CA GLU B 39 4.89 19.76 -6.64
C GLU B 39 3.52 19.30 -6.15
N ALA B 40 3.42 18.03 -5.75
CA ALA B 40 2.17 17.49 -5.24
C ALA B 40 1.67 18.26 -4.02
N GLN B 41 2.58 18.69 -3.16
CA GLN B 41 2.19 19.51 -2.01
C GLN B 41 1.67 20.86 -2.47
N ALA B 42 2.41 21.51 -3.38
CA ALA B 42 1.97 22.81 -3.89
C ALA B 42 0.57 22.71 -4.52
N ALA B 43 0.33 21.64 -5.28
CA ALA B 43 -0.94 21.51 -6.01
C ALA B 43 -2.13 21.23 -5.11
N THR B 44 -1.88 20.92 -3.84
CA THR B 44 -2.94 20.55 -2.91
C THR B 44 -3.03 21.48 -1.71
N GLY B 45 -2.40 22.65 -1.82
CA GLY B 45 -2.60 23.67 -0.80
C GLY B 45 -1.34 24.27 -0.22
N GLY B 46 -0.18 23.77 -0.60
CA GLY B 46 1.06 24.37 -0.17
C GLY B 46 2.15 23.43 0.32
N ILE B 47 3.37 23.94 0.36
CA ILE B 47 4.50 23.14 0.81
C ILE B 47 4.31 22.79 2.28
N VAL B 48 4.52 21.52 2.63
CA VAL B 48 4.23 21.05 3.98
C VAL B 48 5.37 21.36 4.96
N ASP B 49 4.99 21.81 6.15
CA ASP B 49 5.90 21.89 7.29
C ASP B 49 5.61 20.68 8.16
N LEU B 50 6.59 19.78 8.31
CA LEU B 50 6.37 18.53 9.02
C LEU B 50 6.05 18.72 10.50
N LEU B 51 6.37 19.89 11.03
CA LEU B 51 6.25 20.11 12.47
C LEU B 51 5.03 20.90 12.86
N SER B 52 4.36 21.50 11.88
CA SER B 52 3.19 22.32 12.17
C SER B 52 2.11 22.15 11.10
N ARG B 53 0.92 22.70 11.38
CA ARG B 53 -0.19 22.51 10.44
C ARG B 53 -0.14 23.40 9.20
N GLU B 54 0.64 24.48 9.25
CA GLU B 54 0.67 25.44 8.14
C GLU B 54 1.28 24.90 6.86
N ARG B 55 0.75 25.37 5.74
CA ARG B 55 1.27 25.03 4.43
C ARG B 55 1.51 26.29 3.61
N TYR B 56 2.56 26.29 2.80
CA TYR B 56 3.14 27.55 2.35
C TYR B 56 3.28 27.69 0.84
N SER B 57 3.22 28.93 0.36
CA SER B 57 3.53 29.23 -1.02
C SER B 57 5.00 28.88 -1.26
N VAL B 58 5.38 28.79 -2.53
CA VAL B 58 6.77 28.54 -2.86
C VAL B 58 7.68 29.63 -2.26
N HIS B 59 7.26 30.89 -2.36
CA HIS B 59 8.05 32.00 -1.82
C HIS B 59 8.24 31.91 -0.31
N LYS B 60 7.17 31.63 0.42
CA LYS B 60 7.25 31.54 1.87
C LYS B 60 8.04 30.31 2.32
N ALA B 61 7.87 29.21 1.60
CA ALA B 61 8.60 27.97 1.90
C ALA B 61 10.10 28.21 1.79
N MET B 62 10.51 28.92 0.74
CA MET B 62 11.92 29.29 0.61
C MET B 62 12.40 30.15 1.75
N GLU B 63 11.63 31.18 2.06
CA GLU B 63 11.97 32.12 3.11
C GLU B 63 12.12 31.39 4.45
N ARG B 64 11.30 30.37 4.67
CA ARG B 64 11.31 29.64 5.94
C ARG B 64 12.34 28.53 5.96
N GLY B 65 12.99 28.30 4.84
CA GLY B 65 14.00 27.26 4.70
C GLY B 65 13.42 25.87 4.56
N LEU B 66 12.13 25.78 4.23
CA LEU B 66 11.48 24.48 4.10
C LEU B 66 11.91 23.73 2.84
N ILE B 67 12.34 24.49 1.85
CA ILE B 67 12.80 23.94 0.57
C ILE B 67 14.03 24.72 0.12
N GLU B 68 14.80 24.13 -0.79
CA GLU B 68 15.94 24.82 -1.39
C GLU B 68 15.45 26.01 -2.22
N ASN B 69 16.35 26.93 -2.59
CA ASN B 69 15.94 28.08 -3.37
C ASN B 69 16.08 27.88 -4.89
N THR B 70 16.33 26.64 -5.30
CA THR B 70 16.59 26.32 -6.70
C THR B 70 15.44 25.56 -7.33
N SER B 71 15.39 25.56 -8.67
CA SER B 71 14.38 24.80 -9.41
C SER B 71 12.98 25.03 -8.86
N THR B 72 12.66 26.29 -8.61
CA THR B 72 11.32 26.63 -8.11
C THR B 72 10.24 26.72 -9.19
N GLN B 73 10.65 26.85 -10.46
CA GLN B 73 9.64 27.03 -11.50
C GLN B 73 8.63 25.90 -11.53
N ARG B 74 9.11 24.66 -11.42
CA ARG B 74 8.19 23.53 -11.50
C ARG B 74 7.25 23.54 -10.31
N LEU B 75 7.74 24.05 -9.18
CA LEU B 75 6.91 24.18 -7.99
C LEU B 75 5.86 25.27 -8.17
N LEU B 76 6.26 26.39 -8.78
CA LEU B 76 5.31 27.47 -9.07
C LEU B 76 4.22 27.01 -10.05
N ASN B 77 4.59 26.20 -11.03
CA ASN B 77 3.59 25.64 -11.95
C ASN B 77 2.55 24.80 -11.23
N ALA B 78 3.01 23.94 -10.32
CA ALA B 78 2.11 23.14 -9.51
C ALA B 78 1.25 23.99 -8.58
N GLN B 79 1.83 25.05 -8.04
CA GLN B 79 1.09 25.95 -7.16
C GLN B 79 -0.14 26.55 -7.88
N LYS B 80 -0.01 26.76 -9.19
CA LYS B 80 -1.12 27.30 -9.99
C LYS B 80 -2.33 26.39 -9.94
N ALA B 81 -2.11 25.09 -9.74
CA ALA B 81 -3.24 24.16 -9.66
C ALA B 81 -4.07 24.38 -8.38
N PHE B 82 -3.46 24.99 -7.37
CA PHE B 82 -4.15 25.32 -6.13
C PHE B 82 -4.78 26.71 -6.20
N THR B 83 -4.01 27.70 -6.64
CA THR B 83 -4.49 29.09 -6.62
C THR B 83 -5.44 29.37 -7.78
N GLY B 84 -5.25 28.65 -8.87
CA GLY B 84 -5.93 28.93 -10.12
C GLY B 84 -5.21 30.03 -10.89
N ILE B 85 -5.72 30.33 -12.08
CA ILE B 85 -5.16 31.35 -12.95
C ILE B 85 -6.19 32.44 -13.11
N GLU B 86 -5.73 33.68 -13.07
CA GLU B 86 -6.68 34.75 -13.17
C GLU B 86 -7.16 34.97 -14.58
N ASP B 87 -8.46 35.18 -14.74
CA ASP B 87 -8.95 35.66 -16.02
C ASP B 87 -8.27 37.00 -16.26
N PRO B 88 -7.78 37.22 -17.49
CA PRO B 88 -7.06 38.46 -17.79
C PRO B 88 -7.90 39.68 -17.52
N VAL B 89 -9.22 39.58 -17.74
CA VAL B 89 -10.15 40.68 -17.48
C VAL B 89 -11.09 40.38 -16.30
N THR B 90 -12.00 39.43 -16.49
CA THR B 90 -12.98 39.04 -15.47
C THR B 90 -12.43 39.12 -14.04
N LYS B 91 -11.13 38.91 -13.90
CA LYS B 91 -10.39 39.14 -12.65
C LYS B 91 -10.55 38.07 -11.57
N LYS B 92 -11.32 37.02 -11.84
CA LYS B 92 -11.38 35.94 -10.86
C LYS B 92 -10.55 34.75 -11.32
N ARG B 93 -10.06 33.98 -10.35
CA ARG B 93 -9.23 32.82 -10.59
C ARG B 93 -10.09 31.65 -11.08
N LEU B 94 -9.65 30.97 -12.12
CA LEU B 94 -10.33 29.75 -12.52
C LEU B 94 -9.41 28.55 -12.38
N SER B 95 -10.00 27.37 -12.26
CA SER B 95 -9.23 26.15 -12.07
C SER B 95 -8.44 25.83 -13.35
N VAL B 96 -7.34 25.10 -13.20
CA VAL B 96 -6.50 24.84 -14.35
C VAL B 96 -7.16 23.93 -15.39
N GLY B 97 -8.07 23.07 -14.95
CA GLY B 97 -8.85 22.30 -15.91
C GLY B 97 -9.65 23.18 -16.85
N GLU B 98 -10.11 24.32 -16.33
CA GLU B 98 -10.83 25.28 -17.16
C GLU B 98 -9.88 26.09 -18.07
N ALA B 99 -8.70 26.38 -17.54
CA ALA B 99 -7.67 27.03 -18.33
C ALA B 99 -7.33 26.18 -19.55
N VAL B 100 -7.30 24.86 -19.38
CA VAL B 100 -7.03 23.93 -20.48
C VAL B 100 -8.15 24.02 -21.54
N GLN B 101 -9.40 24.02 -21.08
CA GLN B 101 -10.50 24.18 -22.03
C GLN B 101 -10.37 25.42 -22.88
N LYS B 102 -9.88 26.52 -22.28
CA LYS B 102 -9.83 27.80 -22.97
C LYS B 102 -8.59 27.93 -23.87
N GLY B 103 -7.70 26.95 -23.77
CA GLY B 103 -6.49 26.90 -24.58
C GLY B 103 -5.32 27.63 -23.96
N TRP B 104 -5.44 27.99 -22.68
CA TRP B 104 -4.40 28.76 -21.98
C TRP B 104 -3.20 27.92 -21.57
N MET B 105 -3.44 26.66 -21.19
CA MET B 105 -2.34 25.78 -20.85
C MET B 105 -2.59 24.41 -21.43
N PRO B 106 -1.51 23.63 -21.64
CA PRO B 106 -1.64 22.31 -22.27
C PRO B 106 -2.29 21.29 -21.35
N ARG B 107 -3.17 20.45 -21.89
CA ARG B 107 -3.80 19.44 -21.06
C ARG B 107 -2.79 18.51 -20.41
N GLU B 108 -1.72 18.17 -21.13
CA GLU B 108 -0.68 17.31 -20.56
C GLU B 108 -0.04 17.90 -19.29
N SER B 109 0.08 19.23 -19.24
CA SER B 109 0.76 19.90 -18.14
C SER B 109 -0.01 19.83 -16.81
N VAL B 110 -1.35 19.88 -16.87
CA VAL B 110 -2.15 19.95 -15.67
C VAL B 110 -2.43 18.57 -15.08
N LEU B 111 -2.30 17.54 -15.91
CA LEU B 111 -2.73 16.20 -15.52
C LEU B 111 -2.13 15.70 -14.19
N PRO B 112 -0.79 15.82 -14.03
CA PRO B 112 -0.21 15.31 -12.78
C PRO B 112 -0.71 16.03 -11.53
N HIS B 113 -1.01 17.31 -11.66
CA HIS B 113 -1.46 18.10 -10.54
C HIS B 113 -2.88 17.75 -10.19
N LEU B 114 -3.72 17.56 -11.21
CA LEU B 114 -5.10 17.17 -10.96
C LEU B 114 -5.19 15.72 -10.47
N GLN B 115 -4.25 14.87 -10.90
CA GLN B 115 -4.21 13.50 -10.40
C GLN B 115 -3.97 13.53 -8.89
N VAL B 116 -2.99 14.31 -8.44
CA VAL B 116 -2.74 14.38 -7.01
C VAL B 116 -3.92 14.93 -6.23
N GLN B 117 -4.61 15.92 -6.81
CA GLN B 117 -5.83 16.42 -6.18
C GLN B 117 -6.89 15.31 -6.04
N HIS B 118 -7.16 14.60 -7.13
CA HIS B 118 -8.13 13.51 -7.14
C HIS B 118 -7.79 12.47 -6.06
N LEU B 119 -6.50 12.15 -5.96
CA LEU B 119 -6.06 11.10 -5.03
C LEU B 119 -6.19 11.55 -3.58
N THR B 120 -6.34 12.85 -3.36
CA THR B 120 -6.42 13.39 -2.01
C THR B 120 -7.78 14.04 -1.73
N GLY B 121 -8.79 13.61 -2.50
CA GLY B 121 -10.16 13.95 -2.15
C GLY B 121 -10.99 14.59 -3.23
N GLY B 122 -10.35 15.10 -4.28
CA GLY B 122 -11.10 15.72 -5.36
C GLY B 122 -10.43 16.99 -5.83
N LEU B 123 -10.98 17.61 -6.87
CA LEU B 123 -10.30 18.73 -7.50
C LEU B 123 -10.50 20.03 -6.73
N ILE B 124 -9.52 20.93 -6.84
CA ILE B 124 -9.62 22.24 -6.22
C ILE B 124 -10.24 23.24 -7.19
N ASP B 125 -11.29 23.91 -6.72
CA ASP B 125 -11.91 24.99 -7.46
C ASP B 125 -11.62 26.25 -6.67
N PRO B 126 -10.83 27.17 -7.23
CA PRO B 126 -10.52 28.43 -6.55
C PRO B 126 -11.78 29.18 -6.10
N LYS B 127 -12.92 28.89 -6.73
CA LYS B 127 -14.15 29.62 -6.40
C LYS B 127 -14.93 28.99 -5.25
N ARG B 128 -14.54 27.80 -4.83
CA ARG B 128 -15.24 27.09 -3.76
C ARG B 128 -14.28 26.56 -2.73
N THR B 129 -14.76 26.42 -1.49
CA THR B 129 -13.95 25.78 -0.46
C THR B 129 -14.25 24.30 -0.49
N GLY B 130 -13.24 23.48 -0.22
CA GLY B 130 -13.43 22.05 -0.20
C GLY B 130 -13.25 21.37 -1.55
N ARG B 131 -12.79 20.14 -1.51
CA ARG B 131 -12.55 19.38 -2.74
C ARG B 131 -13.84 19.10 -3.48
N ILE B 132 -13.76 19.13 -4.81
CA ILE B 132 -14.90 18.79 -5.67
C ILE B 132 -14.59 17.44 -6.31
N PRO B 133 -15.31 16.38 -5.91
CA PRO B 133 -15.07 15.06 -6.51
C PRO B 133 -15.19 15.05 -8.03
N ILE B 134 -14.48 14.15 -8.70
CA ILE B 134 -14.44 14.10 -10.16
C ILE B 134 -15.83 14.22 -10.78
N GLN B 135 -16.81 13.49 -10.24
CA GLN B 135 -18.14 13.53 -10.83
C GLN B 135 -18.74 14.93 -10.83
N GLN B 136 -18.57 15.66 -9.74
CA GLN B 136 -19.08 17.04 -9.69
C GLN B 136 -18.14 18.01 -10.39
N ALA B 137 -16.86 17.68 -10.48
CA ALA B 137 -15.93 18.53 -11.22
C ALA B 137 -16.36 18.52 -12.68
N LEU B 138 -16.71 17.33 -13.15
CA LEU B 138 -17.18 17.20 -14.52
C LEU B 138 -18.51 17.93 -14.71
N LEU B 139 -19.45 17.73 -13.79
CA LEU B 139 -20.76 18.35 -13.96
C LEU B 139 -20.76 19.86 -13.75
N SER B 140 -19.71 20.40 -13.12
CA SER B 140 -19.67 21.84 -12.88
C SER B 140 -18.76 22.55 -13.87
N GLY B 141 -18.38 21.85 -14.94
CA GLY B 141 -17.59 22.46 -16.00
C GLY B 141 -16.10 22.62 -15.73
N MET B 142 -15.60 22.05 -14.65
CA MET B 142 -14.18 22.19 -14.33
C MET B 142 -13.22 21.46 -15.25
N ILE B 143 -13.62 20.27 -15.72
CA ILE B 143 -12.73 19.45 -16.53
C ILE B 143 -13.45 18.87 -17.74
N SER B 144 -12.68 18.61 -18.80
CA SER B 144 -13.23 17.97 -19.99
C SER B 144 -13.55 16.52 -19.72
N GLU B 145 -14.36 15.92 -20.58
CA GLU B 145 -14.65 14.49 -20.49
C GLU B 145 -13.36 13.64 -20.51
N GLU B 146 -12.44 13.97 -21.42
CA GLU B 146 -11.20 13.22 -21.52
C GLU B 146 -10.38 13.32 -20.23
N LEU B 147 -10.33 14.51 -19.64
CA LEU B 147 -9.56 14.70 -18.42
C LEU B 147 -10.18 13.88 -17.30
N ALA B 148 -11.51 13.86 -17.22
CA ALA B 148 -12.18 13.05 -16.21
C ALA B 148 -11.85 11.57 -16.38
N GLN B 149 -11.84 11.11 -17.63
CA GLN B 149 -11.49 9.73 -17.90
C GLN B 149 -10.06 9.42 -17.51
N LEU B 150 -9.13 10.33 -17.81
CA LEU B 150 -7.72 10.07 -17.51
C LEU B 150 -7.52 9.95 -15.99
N LEU B 151 -8.18 10.84 -15.26
CA LEU B 151 -8.08 10.86 -13.80
C LEU B 151 -8.58 9.57 -13.18
N GLN B 152 -9.53 8.92 -13.84
CA GLN B 152 -10.04 7.64 -13.34
C GLN B 152 -9.26 6.42 -13.82
N ASP B 153 -8.28 6.64 -14.69
CA ASP B 153 -7.55 5.57 -15.37
C ASP B 153 -6.11 5.48 -14.86
N GLU B 154 -5.79 4.41 -14.12
CA GLU B 154 -4.44 4.18 -13.61
C GLU B 154 -3.33 4.34 -14.65
N SER B 155 -3.60 3.91 -15.88
CA SER B 155 -2.60 3.96 -16.92
C SER B 155 -2.10 5.36 -17.25
N SER B 156 -2.83 6.40 -16.84
CA SER B 156 -2.42 7.77 -17.13
C SER B 156 -1.49 8.30 -16.04
N TYR B 157 -1.34 7.54 -14.97
CA TYR B 157 -0.52 7.96 -13.85
C TYR B 157 0.91 7.51 -14.11
N GLU B 158 1.74 8.43 -14.59
CA GLU B 158 3.12 8.11 -14.94
C GLU B 158 3.86 7.55 -13.73
N LYS B 159 4.66 6.52 -13.96
CA LYS B 159 5.56 6.02 -12.94
C LYS B 159 6.84 6.85 -12.98
N ASP B 160 6.77 8.03 -12.38
CA ASP B 160 7.87 8.98 -12.50
C ASP B 160 8.51 9.34 -11.16
N LEU B 161 8.16 8.61 -10.11
CA LEU B 161 8.84 8.73 -8.84
C LEU B 161 9.78 7.54 -8.68
N THR B 162 10.95 7.78 -8.13
CA THR B 162 11.89 6.70 -7.87
C THR B 162 11.80 6.29 -6.41
N ASP B 163 11.42 5.04 -6.16
CA ASP B 163 11.38 4.51 -4.80
C ASP B 163 12.75 4.60 -4.13
N PRO B 164 12.85 5.31 -2.99
CA PRO B 164 14.17 5.42 -2.34
C PRO B 164 14.78 4.08 -1.96
N ILE B 165 13.94 3.08 -1.70
CA ILE B 165 14.47 1.79 -1.26
C ILE B 165 14.87 0.89 -2.42
N SER B 166 13.93 0.62 -3.33
CA SER B 166 14.20 -0.33 -4.41
C SER B 166 14.73 0.33 -5.68
N LYS B 167 14.59 1.65 -5.76
CA LYS B 167 14.88 2.42 -6.98
C LYS B 167 13.97 2.08 -8.16
N GLU B 168 12.93 1.28 -7.92
CA GLU B 168 11.91 1.06 -8.93
C GLU B 168 11.03 2.31 -9.10
N ARG B 169 10.46 2.46 -10.29
CA ARG B 169 9.61 3.60 -10.59
C ARG B 169 8.20 3.36 -10.07
N LEU B 170 7.64 4.39 -9.43
CA LEU B 170 6.32 4.33 -8.81
C LEU B 170 5.48 5.50 -9.31
N SER B 171 4.19 5.27 -9.45
CA SER B 171 3.24 6.37 -9.62
C SER B 171 2.99 6.99 -8.25
N TYR B 172 2.37 8.18 -8.24
CA TYR B 172 2.05 8.84 -6.98
C TYR B 172 1.12 7.99 -6.14
N LYS B 173 0.15 7.33 -6.79
CA LYS B 173 -0.79 6.46 -6.09
C LYS B 173 -0.07 5.28 -5.44
N GLU B 174 0.87 4.68 -6.17
CA GLU B 174 1.65 3.56 -5.64
C GLU B 174 2.49 4.02 -4.45
N ALA B 175 3.07 5.22 -4.54
CA ALA B 175 3.88 5.78 -3.46
C ALA B 175 3.02 5.99 -2.22
N MET B 176 1.82 6.57 -2.40
CA MET B 176 0.91 6.76 -1.28
C MET B 176 0.63 5.46 -0.52
N GLY B 177 0.41 4.38 -1.27
CA GLY B 177 0.09 3.10 -0.68
C GLY B 177 1.19 2.51 0.19
N ARG B 178 2.43 2.94 -0.04
CA ARG B 178 3.56 2.40 0.72
C ARG B 178 3.98 3.31 1.84
N CYS B 179 3.31 4.46 1.97
CA CYS B 179 3.68 5.39 3.04
C CYS B 179 3.30 4.87 4.42
N ARG B 180 4.13 5.20 5.39
CA ARG B 180 3.77 5.00 6.79
C ARG B 180 2.76 6.08 7.12
N LYS B 181 1.59 5.67 7.58
CA LYS B 181 0.52 6.60 7.89
C LYS B 181 0.39 6.70 9.41
N ASP B 182 0.36 7.92 9.93
CA ASP B 182 0.14 8.10 11.37
C ASP B 182 -1.29 7.69 11.71
N PRO B 183 -1.44 6.75 12.65
CA PRO B 183 -2.75 6.20 13.03
C PRO B 183 -3.76 7.29 13.41
N LEU B 184 -3.27 8.43 13.89
CA LEU B 184 -4.15 9.50 14.38
C LEU B 184 -4.28 10.67 13.41
N SER B 185 -3.14 11.19 12.96
CA SER B 185 -3.10 12.39 12.12
C SER B 185 -3.33 12.12 10.63
N GLY B 186 -3.05 10.90 10.20
CA GLY B 186 -3.15 10.57 8.79
C GLY B 186 -1.96 11.07 7.99
N LEU B 187 -0.97 11.63 8.68
CA LEU B 187 0.27 12.07 8.04
C LEU B 187 0.91 10.92 7.27
N LEU B 188 1.24 11.16 6.00
CA LEU B 188 1.90 10.16 5.14
C LEU B 188 3.38 10.41 4.95
N LEU B 189 4.21 9.43 5.29
CA LEU B 189 5.65 9.52 5.12
C LEU B 189 6.17 8.34 4.31
N LEU B 190 6.93 8.64 3.25
CA LEU B 190 7.44 7.60 2.37
C LEU B 190 8.72 7.05 2.97
N PRO B 191 8.81 5.72 3.13
CA PRO B 191 9.98 5.11 3.79
C PRO B 191 11.28 5.20 3.00
N ALA B 192 12.38 5.44 3.70
CA ALA B 192 13.70 5.42 3.09
C ALA B 192 14.70 4.87 4.10
N ALA B 193 15.80 4.31 3.62
CA ALA B 193 16.87 3.84 4.51
C ALA B 193 17.76 5.01 4.90
#